data_7NH4
#
_entry.id   7NH4
#
_cell.length_a   70.760
_cell.length_b   70.950
_cell.length_c   91.130
_cell.angle_alpha   90.000
_cell.angle_beta   90.000
_cell.angle_gamma   90.000
#
_symmetry.space_group_name_H-M   'P 21 21 21'
#
loop_
_entity.id
_entity.type
_entity.pdbx_description
1 polymer 'RAC-alpha serine/threonine-protein kinase'
2 non-polymer ~{N}-[3-[1-[[4-[5-(hydroxymethyl)-3-phenyl-pyridin-2-yl]phenyl]methyl]piperidin-4-yl]-2-oxidanylidene-1~{H}-benzimidazol-5-yl]propanamide
3 non-polymer 'ACETATE ION'
4 water water
#
_entity_poly.entity_id   1
_entity_poly.type   'polypeptide(L)'
_entity_poly.pdbx_seq_one_letter_code
;GSDVAIVKEGWLHKRGEYIKTWRPRYFLLKNDGTFIGYKERPQDVDQREAPLNNFSVAQCQLMKTERPRPNTFIIRCLQW
TTVIERTFHVETPEEREEWTTAIQTVADGLKKQAAAEMDFRSGSPSDNSGAEEMEVSLAKPKHRVTMNEFEYLKLLGKGT
FGKVILVKEKATGRYYAMKILKKEVIVAKDEVAHTLTENRVLQNSRHPFLTALKYSFQTHDRLCFVMEYANGGELFFHLS
RERVFSEDRARFYGAEIVSALDYLHSEKNVVYRDLKLENLMLDKDGHIKITDFGLCKEGIKDGATMKTFCGTPEYLAPEV
LEDNDYGRAVDWWGLGVVMYEMMCGRLPFYNQDHEKLFELILMEEIRFPRTLGPEAKSLLSGLLKKDPKQRLGGGSEDAK
EIMQHRFFAGIVWQHVYEKKLSPPFKPQVTSETDTRYFDEEFTAQM
;
_entity_poly.pdbx_strand_id   A
#
loop_
_chem_comp.id
_chem_comp.type
_chem_comp.name
_chem_comp.formula
ACT non-polymer 'ACETATE ION' 'C2 H3 O2 -1'
UCE non-polymer ~{N}-[3-[1-[[4-[5-(hydroxymethyl)-3-phenyl-pyridin-2-yl]phenyl]methyl]piperidin-4-yl]-2-oxidanylidene-1~{H}-benzimidazol-5-yl]propanamide 'C34 H35 N5 O3'
#
# COMPACT_ATOMS: atom_id res chain seq x y z
N VAL A 4 -18.50 -16.33 -15.68
CA VAL A 4 -18.08 -15.66 -14.45
C VAL A 4 -18.16 -16.60 -13.26
N ALA A 5 -17.32 -17.63 -13.23
CA ALA A 5 -17.45 -18.69 -12.24
C ALA A 5 -16.07 -19.17 -11.82
N ILE A 6 -16.05 -20.29 -11.11
CA ILE A 6 -14.84 -20.85 -10.52
C ILE A 6 -14.25 -21.85 -11.51
N VAL A 7 -12.93 -21.78 -11.70
CA VAL A 7 -12.23 -22.71 -12.58
C VAL A 7 -11.59 -23.82 -11.75
N LYS A 8 -11.25 -23.50 -10.49
CA LYS A 8 -10.58 -24.47 -9.64
C LYS A 8 -10.58 -23.95 -8.21
N GLU A 9 -10.67 -24.86 -7.26
CA GLU A 9 -10.67 -24.53 -5.84
C GLU A 9 -10.10 -25.70 -5.06
N GLY A 10 -9.58 -25.40 -3.88
CA GLY A 10 -8.99 -26.42 -3.04
C GLY A 10 -8.01 -25.81 -2.07
N TRP A 11 -7.41 -26.68 -1.26
CA TRP A 11 -6.47 -26.25 -0.23
C TRP A 11 -5.07 -26.13 -0.80
N LEU A 12 -4.38 -25.06 -0.39
CA LEU A 12 -2.99 -24.83 -0.73
C LEU A 12 -2.23 -24.45 0.53
N HIS A 13 -0.91 -24.54 0.45
CA HIS A 13 -0.02 -24.03 1.47
C HIS A 13 0.59 -22.72 0.95
N LYS A 14 0.17 -21.60 1.54
CA LYS A 14 0.62 -20.29 1.11
C LYS A 14 1.63 -19.75 2.12
N ARG A 15 2.74 -19.21 1.62
CA ARG A 15 3.71 -18.58 2.49
C ARG A 15 3.23 -17.20 2.90
N GLY A 16 3.32 -16.91 4.20
CA GLY A 16 2.86 -15.61 4.68
C GLY A 16 3.62 -14.47 4.01
N GLU A 17 2.89 -13.40 3.71
CA GLU A 17 3.51 -12.27 3.01
C GLU A 17 4.37 -11.42 3.94
N TYR A 18 4.00 -11.32 5.21
CA TYR A 18 4.76 -10.54 6.18
C TYR A 18 5.38 -11.39 7.27
N ILE A 19 4.72 -12.46 7.70
CA ILE A 19 5.31 -13.47 8.55
C ILE A 19 5.49 -14.72 7.68
N LYS A 20 6.74 -15.00 7.32
CA LYS A 20 7.06 -15.98 6.27
C LYS A 20 6.94 -17.41 6.83
N THR A 21 5.71 -17.78 7.15
CA THR A 21 5.39 -19.15 7.57
C THR A 21 4.40 -19.76 6.59
N TRP A 22 4.39 -21.09 6.53
CA TRP A 22 3.44 -21.80 5.69
C TRP A 22 2.13 -21.97 6.44
N ARG A 23 1.03 -21.66 5.78
CA ARG A 23 -0.29 -21.70 6.39
C ARG A 23 -1.28 -22.28 5.38
N PRO A 24 -2.13 -23.22 5.80
CA PRO A 24 -3.12 -23.77 4.87
C PRO A 24 -4.22 -22.75 4.61
N ARG A 25 -4.54 -22.55 3.34
CA ARG A 25 -5.56 -21.60 2.93
C ARG A 25 -6.35 -22.18 1.77
N TYR A 26 -7.66 -21.95 1.76
CA TYR A 26 -8.54 -22.43 0.70
C TYR A 26 -8.62 -21.38 -0.39
N PHE A 27 -8.14 -21.71 -1.58
CA PHE A 27 -8.04 -20.76 -2.68
C PHE A 27 -9.09 -21.03 -3.74
N LEU A 28 -9.66 -19.96 -4.28
CA LEU A 28 -10.58 -20.01 -5.39
C LEU A 28 -9.92 -19.40 -6.62
N LEU A 29 -9.93 -20.14 -7.73
CA LEU A 29 -9.53 -19.60 -9.02
C LEU A 29 -10.78 -19.37 -9.85
N LYS A 30 -10.94 -18.14 -10.36
CA LYS A 30 -12.13 -17.76 -11.10
C LYS A 30 -11.75 -17.31 -12.50
N ASN A 31 -12.69 -17.50 -13.43
CA ASN A 31 -12.43 -17.19 -14.84
C ASN A 31 -12.18 -15.71 -15.07
N ASP A 32 -12.55 -14.84 -14.12
CA ASP A 32 -12.24 -13.43 -14.23
C ASP A 32 -10.80 -13.12 -13.82
N GLY A 33 -10.03 -14.14 -13.40
CA GLY A 33 -8.63 -13.96 -13.09
C GLY A 33 -8.30 -13.81 -11.62
N THR A 34 -9.30 -13.79 -10.74
CA THR A 34 -9.06 -13.60 -9.32
C THR A 34 -8.60 -14.89 -8.67
N PHE A 35 -7.55 -14.80 -7.86
CA PHE A 35 -7.02 -15.94 -7.10
C PHE A 35 -7.05 -15.54 -5.63
N ILE A 36 -8.06 -16.02 -4.91
CA ILE A 36 -8.34 -15.61 -3.54
C ILE A 36 -8.14 -16.80 -2.62
N GLY A 37 -7.59 -16.53 -1.43
CA GLY A 37 -7.43 -17.55 -0.42
C GLY A 37 -8.11 -17.18 0.88
N TYR A 38 -8.83 -18.13 1.47
CA TYR A 38 -9.56 -17.91 2.71
C TYR A 38 -9.04 -18.84 3.79
N LYS A 39 -9.18 -18.41 5.05
CA LYS A 39 -8.74 -19.24 6.16
C LYS A 39 -9.54 -20.54 6.23
N GLU A 40 -10.85 -20.45 6.00
CA GLU A 40 -11.70 -21.63 5.86
C GLU A 40 -12.49 -21.52 4.57
N ARG A 41 -13.01 -22.64 4.12
CA ARG A 41 -13.81 -22.66 2.90
C ARG A 41 -14.98 -21.70 3.06
N PRO A 42 -15.14 -20.71 2.18
CA PRO A 42 -16.22 -19.73 2.37
C PRO A 42 -17.54 -20.24 1.85
N GLN A 43 -18.62 -19.90 2.56
CA GLN A 43 -19.95 -20.25 2.13
C GLN A 43 -20.42 -19.40 0.95
N ASP A 44 -19.77 -18.28 0.71
CA ASP A 44 -20.14 -17.39 -0.39
C ASP A 44 -21.58 -16.92 -0.23
N ARG A 48 -15.41 -7.57 -1.51
CA ARG A 48 -16.51 -6.92 -2.21
C ARG A 48 -16.75 -7.57 -3.57
N GLU A 49 -17.95 -7.37 -4.12
CA GLU A 49 -18.28 -7.98 -5.40
C GLU A 49 -17.45 -7.39 -6.54
N ALA A 50 -17.09 -6.12 -6.46
CA ALA A 50 -16.19 -5.54 -7.44
C ALA A 50 -14.83 -6.20 -7.30
N PRO A 51 -14.35 -6.94 -8.30
CA PRO A 51 -13.08 -7.65 -8.14
C PRO A 51 -11.91 -6.69 -7.95
N LEU A 52 -10.96 -7.10 -7.11
CA LEU A 52 -9.77 -6.31 -6.85
C LEU A 52 -8.60 -6.87 -7.66
N ASN A 53 -7.86 -5.96 -8.30
CA ASN A 53 -6.74 -6.37 -9.14
C ASN A 53 -5.58 -6.96 -8.34
N ASN A 54 -5.52 -6.68 -7.03
CA ASN A 54 -4.45 -7.24 -6.20
C ASN A 54 -4.37 -8.75 -6.34
N PHE A 55 -5.50 -9.41 -6.55
CA PHE A 55 -5.57 -10.86 -6.59
C PHE A 55 -5.62 -11.43 -8.00
N SER A 56 -5.60 -10.57 -9.02
CA SER A 56 -5.75 -11.05 -10.38
C SER A 56 -4.53 -11.83 -10.83
N VAL A 57 -4.76 -12.88 -11.63
CA VAL A 57 -3.67 -13.64 -12.23
C VAL A 57 -3.30 -13.12 -13.61
N ALA A 58 -4.01 -12.12 -14.12
CA ALA A 58 -3.73 -11.60 -15.45
C ALA A 58 -2.33 -10.99 -15.51
N GLN A 59 -1.60 -11.31 -16.58
CA GLN A 59 -0.27 -10.76 -16.83
C GLN A 59 0.69 -11.11 -15.69
N CYS A 60 0.71 -12.39 -15.33
CA CYS A 60 1.65 -12.92 -14.36
C CYS A 60 2.41 -14.08 -14.99
N GLN A 61 3.55 -14.42 -14.40
CA GLN A 61 4.32 -15.57 -14.83
C GLN A 61 4.38 -16.60 -13.71
N LEU A 62 4.28 -17.87 -14.09
CA LEU A 62 4.27 -18.98 -13.13
C LEU A 62 5.63 -19.65 -13.12
N MET A 63 6.16 -19.90 -11.92
CA MET A 63 7.43 -20.57 -11.75
C MET A 63 7.25 -21.75 -10.82
N LYS A 64 7.88 -22.87 -11.17
CA LYS A 64 7.92 -24.06 -10.34
C LYS A 64 9.32 -24.21 -9.79
N THR A 65 9.43 -24.37 -8.48
CA THR A 65 10.73 -24.48 -7.83
C THR A 65 10.67 -25.57 -6.76
N GLU A 66 11.85 -26.05 -6.40
CA GLU A 66 11.99 -27.01 -5.31
C GLU A 66 12.64 -26.39 -4.08
N ARG A 67 12.94 -25.09 -4.13
CA ARG A 67 13.45 -24.34 -3.00
C ARG A 67 12.59 -23.09 -2.80
N PRO A 68 12.35 -22.68 -1.54
CA PRO A 68 12.91 -23.31 -0.34
C PRO A 68 12.27 -24.65 -0.01
N ARG A 69 11.16 -24.97 -0.67
CA ARG A 69 10.43 -26.18 -0.34
C ARG A 69 10.00 -26.91 -1.61
N PRO A 70 10.06 -28.24 -1.61
CA PRO A 70 9.64 -28.99 -2.80
C PRO A 70 8.18 -28.73 -3.14
N ASN A 71 7.87 -28.92 -4.42
CA ASN A 71 6.50 -28.75 -4.93
C ASN A 71 5.98 -27.34 -4.68
N THR A 72 6.86 -26.35 -4.85
CA THR A 72 6.49 -24.95 -4.72
C THR A 72 6.23 -24.36 -6.09
N PHE A 73 5.21 -23.51 -6.20
CA PHE A 73 5.01 -22.70 -7.38
C PHE A 73 4.78 -21.26 -6.96
N ILE A 74 5.16 -20.33 -7.84
CA ILE A 74 5.20 -18.91 -7.52
C ILE A 74 4.47 -18.15 -8.62
N ILE A 75 3.52 -17.31 -8.22
CA ILE A 75 2.86 -16.38 -9.11
C ILE A 75 3.55 -15.03 -8.96
N ARG A 76 4.16 -14.55 -10.04
CA ARG A 76 4.88 -13.28 -10.04
C ARG A 76 4.17 -12.31 -10.98
N CYS A 77 3.80 -11.15 -10.46
CA CYS A 77 3.04 -10.16 -11.22
C CYS A 77 3.63 -8.79 -11.00
N LEU A 78 3.61 -7.98 -12.06
CA LEU A 78 3.92 -6.56 -11.96
C LEU A 78 2.60 -5.82 -11.80
N GLN A 79 2.40 -5.20 -10.65
CA GLN A 79 1.24 -4.35 -10.39
C GLN A 79 1.71 -2.91 -10.28
N TRP A 80 1.19 -2.05 -11.14
CA TRP A 80 1.69 -0.69 -11.33
C TRP A 80 3.21 -0.71 -11.47
N THR A 81 3.94 -0.33 -10.41
CA THR A 81 5.40 -0.26 -10.47
C THR A 81 6.08 -1.20 -9.49
N THR A 82 5.35 -2.18 -8.95
CA THR A 82 5.91 -3.07 -7.93
C THR A 82 5.78 -4.52 -8.37
N VAL A 83 6.87 -5.26 -8.28
CA VAL A 83 6.85 -6.70 -8.57
C VAL A 83 6.37 -7.44 -7.33
N ILE A 84 5.40 -8.33 -7.52
CA ILE A 84 4.73 -9.03 -6.43
C ILE A 84 4.86 -10.53 -6.64
N GLU A 85 5.17 -11.25 -5.57
CA GLU A 85 5.27 -12.70 -5.61
C GLU A 85 4.35 -13.32 -4.59
N ARG A 86 3.71 -14.42 -4.98
CA ARG A 86 2.90 -15.24 -4.07
C ARG A 86 3.40 -16.66 -4.18
N THR A 87 3.84 -17.23 -3.06
CA THR A 87 4.50 -18.53 -3.04
C THR A 87 3.55 -19.57 -2.45
N PHE A 88 3.39 -20.67 -3.17
CA PHE A 88 2.46 -21.72 -2.78
C PHE A 88 3.17 -23.07 -2.80
N HIS A 89 2.63 -23.99 -2.01
CA HIS A 89 3.14 -25.35 -1.91
C HIS A 89 1.96 -26.32 -1.87
N VAL A 90 2.08 -27.42 -2.60
CA VAL A 90 1.12 -28.51 -2.56
C VAL A 90 1.86 -29.80 -2.24
N GLU A 91 1.09 -30.82 -1.85
CA GLU A 91 1.71 -32.07 -1.42
C GLU A 91 2.34 -32.83 -2.58
N THR A 92 1.74 -32.76 -3.77
CA THR A 92 2.19 -33.61 -4.86
C THR A 92 2.54 -32.78 -6.10
N PRO A 93 3.53 -33.22 -6.89
CA PRO A 93 3.80 -32.53 -8.16
C PRO A 93 2.63 -32.58 -9.11
N GLU A 94 1.86 -33.68 -9.09
CA GLU A 94 0.68 -33.77 -9.95
C GLU A 94 -0.31 -32.66 -9.65
N GLU A 95 -0.48 -32.31 -8.37
CA GLU A 95 -1.38 -31.22 -8.01
C GLU A 95 -0.80 -29.87 -8.42
N ARG A 96 0.51 -29.69 -8.23
CA ARG A 96 1.14 -28.44 -8.66
C ARG A 96 0.95 -28.21 -10.15
N GLU A 97 1.03 -29.28 -10.94
CA GLU A 97 0.80 -29.14 -12.38
C GLU A 97 -0.64 -28.79 -12.68
N GLU A 98 -1.59 -29.38 -11.96
CA GLU A 98 -2.99 -29.01 -12.12
C GLU A 98 -3.18 -27.52 -11.84
N TRP A 99 -2.65 -27.03 -10.72
CA TRP A 99 -2.84 -25.64 -10.33
C TRP A 99 -2.23 -24.69 -11.35
N THR A 100 -1.00 -24.97 -11.78
CA THR A 100 -0.30 -24.05 -12.67
C THR A 100 -0.97 -23.96 -14.03
N THR A 101 -1.31 -25.12 -14.62
CA THR A 101 -1.99 -25.11 -15.92
C THR A 101 -3.33 -24.40 -15.81
N ALA A 102 -4.10 -24.70 -14.77
CA ALA A 102 -5.37 -23.99 -14.56
C ALA A 102 -5.14 -22.49 -14.44
N ILE A 103 -4.15 -22.10 -13.64
CA ILE A 103 -3.83 -20.68 -13.49
C ILE A 103 -3.36 -20.12 -14.83
N GLN A 104 -2.48 -20.84 -15.51
CA GLN A 104 -1.96 -20.36 -16.79
C GLN A 104 -3.07 -20.21 -17.82
N THR A 105 -3.97 -21.20 -17.90
CA THR A 105 -5.06 -21.11 -18.86
C THR A 105 -5.93 -19.89 -18.59
N VAL A 106 -6.26 -19.64 -17.32
CA VAL A 106 -7.05 -18.46 -16.98
C VAL A 106 -6.33 -17.19 -17.40
N ALA A 107 -5.01 -17.13 -17.19
CA ALA A 107 -4.25 -15.97 -17.62
C ALA A 107 -4.29 -15.81 -19.13
N ASP A 108 -4.16 -16.91 -19.86
CA ASP A 108 -4.23 -16.83 -21.32
C ASP A 108 -5.63 -16.43 -21.78
N GLY A 109 -6.67 -16.94 -21.11
CA GLY A 109 -8.03 -16.57 -21.48
C GLY A 109 -8.31 -15.09 -21.34
N LEU A 110 -7.67 -14.44 -20.36
CA LEU A 110 -7.83 -13.00 -20.16
C LEU A 110 -6.91 -12.17 -21.05
N LYS A 111 -6.23 -12.80 -22.01
CA LYS A 111 -5.36 -12.06 -22.91
C LYS A 111 -6.17 -11.14 -23.83
N LYS A 112 -7.24 -11.67 -24.41
CA LYS A 112 -8.08 -10.88 -25.31
C LYS A 112 -8.65 -9.65 -24.63
N ARG A 144 13.72 10.57 -26.98
CA ARG A 144 13.69 9.48 -26.01
C ARG A 144 14.40 9.88 -24.72
N VAL A 145 14.12 9.16 -23.64
CA VAL A 145 14.67 9.44 -22.32
C VAL A 145 15.62 8.32 -21.93
N THR A 146 16.77 8.69 -21.40
CA THR A 146 17.81 7.74 -20.99
C THR A 146 18.23 8.03 -19.56
N MET A 147 19.14 7.20 -19.05
CA MET A 147 19.68 7.42 -17.71
C MET A 147 20.52 8.69 -17.64
N ASN A 148 21.10 9.11 -18.76
CA ASN A 148 22.01 10.25 -18.78
C ASN A 148 21.29 11.57 -18.53
N GLU A 149 19.96 11.60 -18.57
CA GLU A 149 19.21 12.81 -18.27
C GLU A 149 19.06 13.08 -16.77
N PHE A 150 19.52 12.18 -15.92
CA PHE A 150 19.31 12.30 -14.49
C PHE A 150 20.63 12.22 -13.74
N GLU A 151 20.67 12.88 -12.59
CA GLU A 151 21.82 12.85 -11.69
C GLU A 151 21.43 12.06 -10.45
N TYR A 152 22.14 10.98 -10.18
CA TYR A 152 21.92 10.19 -8.98
C TYR A 152 22.24 11.01 -7.74
N LEU A 153 21.35 10.99 -6.76
CA LEU A 153 21.54 11.75 -5.52
C LEU A 153 21.65 10.84 -4.31
N LYS A 154 20.62 10.03 -4.02
CA LYS A 154 20.60 9.25 -2.80
C LYS A 154 19.89 7.93 -3.06
N LEU A 155 20.32 6.89 -2.36
CA LEU A 155 19.64 5.61 -2.40
C LEU A 155 18.49 5.63 -1.40
N LEU A 156 17.27 5.43 -1.89
CA LEU A 156 16.09 5.43 -1.04
C LEU A 156 15.74 4.04 -0.53
N GLY A 157 16.03 3.00 -1.32
CA GLY A 157 15.70 1.66 -0.90
C GLY A 157 16.13 0.60 -1.89
N LYS A 158 16.45 -0.59 -1.38
CA LYS A 158 16.83 -1.73 -2.19
C LYS A 158 15.82 -2.86 -1.98
N GLY A 159 15.58 -3.62 -3.05
CA GLY A 159 14.64 -4.72 -3.00
C GLY A 159 15.20 -5.93 -3.72
N THR A 160 14.42 -7.01 -3.70
CA THR A 160 14.85 -8.24 -4.33
C THR A 160 15.05 -8.04 -5.83
N PHE A 161 14.20 -7.24 -6.47
CA PHE A 161 14.18 -7.10 -7.91
C PHE A 161 14.58 -5.71 -8.38
N GLY A 162 15.35 -4.97 -7.59
CA GLY A 162 15.81 -3.67 -8.00
C GLY A 162 15.91 -2.72 -6.82
N LYS A 163 16.05 -1.44 -7.14
CA LYS A 163 16.26 -0.40 -6.15
C LYS A 163 15.46 0.84 -6.52
N VAL A 164 15.43 1.79 -5.58
CA VAL A 164 14.81 3.10 -5.79
C VAL A 164 15.83 4.16 -5.40
N ILE A 165 16.00 5.17 -6.24
CA ILE A 165 16.99 6.21 -6.01
C ILE A 165 16.34 7.57 -6.21
N LEU A 166 16.81 8.55 -5.44
CA LEU A 166 16.40 9.92 -5.62
C LEU A 166 17.26 10.55 -6.71
N VAL A 167 16.62 11.08 -7.75
CA VAL A 167 17.32 11.69 -8.87
C VAL A 167 16.78 13.08 -9.11
N LYS A 168 17.51 13.84 -9.92
CA LYS A 168 17.10 15.18 -10.34
C LYS A 168 17.27 15.27 -11.85
N GLU A 169 16.19 15.61 -12.55
CA GLU A 169 16.28 15.78 -14.00
C GLU A 169 17.19 16.96 -14.30
N LYS A 170 18.29 16.70 -15.02
CA LYS A 170 19.28 17.73 -15.27
C LYS A 170 18.65 18.96 -15.90
N ALA A 171 17.78 18.77 -16.89
CA ALA A 171 17.24 19.92 -17.63
C ALA A 171 16.39 20.82 -16.74
N THR A 172 15.56 20.24 -15.88
CA THR A 172 14.58 21.01 -15.13
C THR A 172 15.01 21.34 -13.71
N GLY A 173 15.91 20.55 -13.12
CA GLY A 173 16.20 20.68 -11.71
C GLY A 173 15.16 20.07 -10.80
N ARG A 174 14.20 19.33 -11.36
CA ARG A 174 13.13 18.71 -10.59
C ARG A 174 13.56 17.36 -10.06
N TYR A 175 13.00 16.98 -8.92
CA TYR A 175 13.40 15.78 -8.21
C TYR A 175 12.39 14.67 -8.42
N TYR A 176 12.89 13.45 -8.56
CA TYR A 176 12.10 12.29 -8.93
C TYR A 176 12.64 11.06 -8.23
N ALA A 177 11.74 10.11 -7.96
CA ALA A 177 12.12 8.78 -7.50
C ALA A 177 12.12 7.85 -8.71
N MET A 178 13.24 7.15 -8.91
CA MET A 178 13.40 6.26 -10.04
C MET A 178 13.45 4.82 -9.53
N LYS A 179 12.46 4.01 -9.92
CA LYS A 179 12.44 2.59 -9.61
C LYS A 179 13.15 1.83 -10.72
N ILE A 180 14.33 1.28 -10.42
CA ILE A 180 15.10 0.50 -11.37
C ILE A 180 14.88 -0.98 -11.03
N LEU A 181 14.13 -1.67 -11.87
CA LEU A 181 13.79 -3.07 -11.67
C LEU A 181 14.51 -3.95 -12.68
N LYS A 182 14.79 -5.19 -12.27
CA LYS A 182 15.45 -6.15 -13.16
C LYS A 182 14.49 -6.56 -14.27
N LYS A 183 14.89 -6.32 -15.53
CA LYS A 183 14.05 -6.68 -16.66
C LYS A 183 13.84 -8.19 -16.73
N GLU A 184 14.80 -8.97 -16.23
CA GLU A 184 14.66 -10.43 -16.30
C GLU A 184 13.39 -10.89 -15.59
N VAL A 185 13.04 -10.25 -14.48
CA VAL A 185 11.85 -10.65 -13.72
C VAL A 185 10.58 -10.48 -14.52
N ILE A 186 10.60 -9.65 -15.56
CA ILE A 186 9.40 -9.42 -16.37
C ILE A 186 9.62 -9.94 -17.78
N SER A 205 -3.58 6.10 -13.72
CA SER A 205 -3.78 7.39 -14.36
C SER A 205 -3.19 8.53 -13.53
N ARG A 206 -4.05 9.40 -13.03
CA ARG A 206 -3.62 10.58 -12.30
C ARG A 206 -4.64 10.96 -11.24
N HIS A 207 -4.14 11.37 -10.07
CA HIS A 207 -4.96 11.87 -8.98
C HIS A 207 -4.12 12.92 -8.26
N PRO A 208 -4.72 13.99 -7.76
CA PRO A 208 -3.93 15.06 -7.14
C PRO A 208 -3.03 14.59 -6.00
N PHE A 209 -3.46 13.58 -5.24
CA PHE A 209 -2.79 13.21 -4.00
C PHE A 209 -2.06 11.88 -4.09
N LEU A 210 -1.86 11.36 -5.30
CA LEU A 210 -0.98 10.23 -5.55
C LEU A 210 0.26 10.73 -6.26
N THR A 211 1.42 10.13 -5.95
CA THR A 211 2.64 10.50 -6.66
C THR A 211 2.58 9.96 -8.08
N ALA A 212 2.63 10.87 -9.06
CA ALA A 212 2.41 10.49 -10.44
C ALA A 212 3.62 9.78 -11.02
N LEU A 213 3.36 8.77 -11.83
CA LEU A 213 4.38 8.14 -12.66
C LEU A 213 4.53 8.94 -13.94
N LYS A 214 5.70 9.57 -14.12
CA LYS A 214 5.90 10.46 -15.28
C LYS A 214 6.52 9.71 -16.46
N TYR A 215 7.77 9.26 -16.31
CA TYR A 215 8.47 8.57 -17.38
C TYR A 215 8.58 7.08 -17.07
N SER A 216 8.48 6.26 -18.11
CA SER A 216 8.83 4.85 -18.05
C SER A 216 9.72 4.54 -19.24
N PHE A 217 10.92 4.03 -18.97
CA PHE A 217 11.86 3.67 -20.03
C PHE A 217 12.63 2.43 -19.62
N GLN A 218 13.44 1.93 -20.56
CA GLN A 218 14.15 0.67 -20.39
C GLN A 218 15.63 0.86 -20.66
N THR A 219 16.43 -0.03 -20.08
CA THR A 219 17.77 -0.32 -20.53
C THR A 219 17.78 -1.77 -21.02
N HIS A 220 18.98 -2.30 -21.30
CA HIS A 220 19.06 -3.67 -21.79
C HIS A 220 18.67 -4.67 -20.71
N ASP A 221 18.85 -4.32 -19.43
CA ASP A 221 18.57 -5.24 -18.34
C ASP A 221 17.76 -4.62 -17.20
N ARG A 222 17.30 -3.38 -17.34
CA ARG A 222 16.57 -2.71 -16.27
C ARG A 222 15.35 -2.00 -16.83
N LEU A 223 14.26 -2.03 -16.06
CA LEU A 223 13.05 -1.26 -16.36
C LEU A 223 12.93 -0.15 -15.34
N CYS A 224 12.72 1.08 -15.82
CA CYS A 224 12.82 2.26 -14.98
C CYS A 224 11.49 3.00 -14.96
N PHE A 225 10.97 3.23 -13.75
CA PHE A 225 9.79 4.06 -13.55
C PHE A 225 10.22 5.36 -12.86
N VAL A 226 9.83 6.49 -13.44
CA VAL A 226 10.18 7.81 -12.92
C VAL A 226 8.90 8.46 -12.40
N MET A 227 8.88 8.76 -11.11
N MET A 227 8.87 8.76 -11.11
CA MET A 227 7.70 9.35 -10.49
CA MET A 227 7.70 9.35 -10.49
C MET A 227 8.10 10.60 -9.71
C MET A 227 8.10 10.60 -9.71
N GLU A 228 7.12 11.50 -9.54
CA GLU A 228 7.38 12.76 -8.87
C GLU A 228 7.73 12.54 -7.40
N TYR A 229 8.63 13.37 -6.89
CA TYR A 229 9.10 13.31 -5.51
C TYR A 229 8.77 14.62 -4.83
N ALA A 230 7.80 14.60 -3.92
CA ALA A 230 7.37 15.82 -3.25
C ALA A 230 8.49 16.38 -2.40
N ASN A 231 8.62 17.71 -2.41
CA ASN A 231 9.69 18.40 -1.69
C ASN A 231 9.18 19.20 -0.50
N GLY A 232 7.95 18.95 -0.05
CA GLY A 232 7.42 19.59 1.13
C GLY A 232 7.79 18.93 2.45
N GLY A 233 8.49 17.81 2.40
CA GLY A 233 8.95 17.15 3.60
C GLY A 233 8.16 15.90 3.93
N GLU A 234 8.84 14.92 4.52
CA GLU A 234 8.17 13.70 4.99
C GLU A 234 7.18 14.04 6.09
N LEU A 235 6.05 13.32 6.10
CA LEU A 235 5.03 13.60 7.10
C LEU A 235 5.45 13.15 8.49
N PHE A 236 6.28 12.11 8.59
CA PHE A 236 6.80 11.77 9.92
C PHE A 236 7.76 12.84 10.41
N PHE A 237 8.46 13.51 9.51
CA PHE A 237 9.34 14.60 9.91
C PHE A 237 8.53 15.78 10.46
N HIS A 238 7.34 16.03 9.91
CA HIS A 238 6.54 17.14 10.39
C HIS A 238 5.81 16.78 11.67
N LEU A 239 5.28 15.55 11.75
CA LEU A 239 4.52 15.15 12.93
C LEU A 239 5.41 15.11 14.17
N SER A 240 6.64 14.62 14.02
CA SER A 240 7.54 14.55 15.16
C SER A 240 8.01 15.94 15.58
N ARG A 241 8.19 16.84 14.62
CA ARG A 241 8.60 18.20 14.97
C ARG A 241 7.52 18.91 15.78
N GLU A 242 6.26 18.76 15.38
CA GLU A 242 5.14 19.42 16.05
C GLU A 242 4.46 18.53 17.07
N ARG A 243 4.95 17.29 17.24
CA ARG A 243 4.44 16.39 18.27
C ARG A 243 3.06 15.85 17.92
N VAL A 244 2.07 16.74 17.79
CA VAL A 244 0.69 16.35 17.49
C VAL A 244 0.09 17.38 16.55
N PHE A 245 -0.83 16.91 15.72
CA PHE A 245 -1.62 17.78 14.86
C PHE A 245 -2.96 18.10 15.53
N SER A 246 -3.46 19.29 15.29
CA SER A 246 -4.82 19.62 15.72
C SER A 246 -5.83 18.79 14.93
N GLU A 247 -7.03 18.65 15.48
CA GLU A 247 -8.06 17.89 14.77
C GLU A 247 -8.36 18.50 13.41
N ASP A 248 -8.30 19.83 13.31
CA ASP A 248 -8.47 20.48 12.01
C ASP A 248 -7.40 20.03 11.03
N ARG A 249 -6.14 20.05 11.45
CA ARG A 249 -5.05 19.69 10.55
C ARG A 249 -5.11 18.22 10.16
N ALA A 250 -5.45 17.35 11.11
CA ALA A 250 -5.61 15.93 10.79
C ALA A 250 -6.82 15.70 9.89
N ARG A 251 -7.88 16.48 10.07
CA ARG A 251 -9.03 16.38 9.19
C ARG A 251 -8.64 16.67 7.74
N PHE A 252 -7.78 17.66 7.54
CA PHE A 252 -7.36 18.04 6.19
C PHE A 252 -6.56 16.92 5.52
N TYR A 253 -5.44 16.52 6.14
CA TYR A 253 -4.68 15.39 5.61
C TYR A 253 -5.56 14.16 5.46
N GLY A 254 -6.40 13.90 6.47
CA GLY A 254 -7.30 12.76 6.38
C GLY A 254 -8.26 12.86 5.21
N ALA A 255 -8.81 14.05 4.99
CA ALA A 255 -9.74 14.23 3.87
C ALA A 255 -9.05 13.90 2.55
N GLU A 256 -7.84 14.41 2.35
CA GLU A 256 -7.17 14.20 1.06
C GLU A 256 -6.79 12.73 0.86
N ILE A 257 -6.47 12.02 1.94
CA ILE A 257 -6.20 10.59 1.83
C ILE A 257 -7.45 9.84 1.43
N VAL A 258 -8.57 10.14 2.10
CA VAL A 258 -9.84 9.51 1.75
C VAL A 258 -10.13 9.71 0.28
N SER A 259 -9.84 10.91 -0.25
CA SER A 259 -10.10 11.19 -1.65
C SER A 259 -9.26 10.30 -2.57
N ALA A 260 -7.99 10.12 -2.24
CA ALA A 260 -7.12 9.29 -3.08
C ALA A 260 -7.49 7.81 -2.95
N LEU A 261 -7.82 7.35 -1.73
CA LEU A 261 -8.21 5.96 -1.55
C LEU A 261 -9.52 5.66 -2.28
N ASP A 262 -10.45 6.62 -2.27
CA ASP A 262 -11.70 6.44 -3.02
C ASP A 262 -11.40 6.25 -4.51
N TYR A 263 -10.51 7.07 -5.06
CA TYR A 263 -10.10 6.90 -6.44
C TYR A 263 -9.57 5.50 -6.69
N LEU A 264 -8.60 5.06 -5.89
CA LEU A 264 -7.95 3.77 -6.12
C LEU A 264 -8.95 2.62 -6.00
N HIS A 265 -9.90 2.71 -5.08
CA HIS A 265 -10.87 1.64 -4.89
C HIS A 265 -11.89 1.60 -6.02
N SER A 266 -12.47 2.76 -6.36
CA SER A 266 -13.56 2.82 -7.33
C SER A 266 -13.04 2.79 -8.77
N GLU A 267 -12.17 3.75 -9.12
CA GLU A 267 -11.71 3.85 -10.50
C GLU A 267 -10.76 2.71 -10.86
N LYS A 268 -9.80 2.42 -9.99
CA LYS A 268 -8.75 1.45 -10.30
C LYS A 268 -8.99 0.06 -9.71
N ASN A 269 -9.94 -0.08 -8.78
CA ASN A 269 -10.23 -1.37 -8.16
C ASN A 269 -8.96 -2.00 -7.60
N VAL A 270 -8.21 -1.20 -6.84
CA VAL A 270 -6.96 -1.63 -6.24
C VAL A 270 -6.94 -1.17 -4.79
N VAL A 271 -6.47 -2.03 -3.89
CA VAL A 271 -6.24 -1.66 -2.51
C VAL A 271 -4.78 -1.26 -2.36
N TYR A 272 -4.54 -0.13 -1.68
CA TYR A 272 -3.18 0.36 -1.53
C TYR A 272 -2.37 -0.51 -0.58
N ARG A 273 -2.98 -0.89 0.55
CA ARG A 273 -2.45 -1.86 1.51
C ARG A 273 -1.17 -1.40 2.21
N ASP A 274 -0.63 -0.23 1.87
CA ASP A 274 0.63 0.23 2.43
C ASP A 274 0.49 1.59 3.11
N LEU A 275 -0.72 1.94 3.55
CA LEU A 275 -0.97 3.26 4.11
C LEU A 275 -0.34 3.34 5.49
N LYS A 276 0.73 4.12 5.61
CA LYS A 276 1.35 4.40 6.89
C LYS A 276 1.99 5.78 6.82
N LEU A 277 2.36 6.31 7.99
CA LEU A 277 2.94 7.65 8.05
C LEU A 277 4.14 7.78 7.10
N GLU A 278 4.97 6.74 7.01
CA GLU A 278 6.18 6.82 6.20
C GLU A 278 5.90 6.99 4.71
N ASN A 279 4.68 6.67 4.26
CA ASN A 279 4.33 6.82 2.86
C ASN A 279 3.53 8.08 2.58
N LEU A 280 3.61 9.08 3.45
CA LEU A 280 2.91 10.34 3.27
C LEU A 280 3.93 11.47 3.23
N MET A 281 3.81 12.33 2.23
CA MET A 281 4.64 13.52 2.12
C MET A 281 3.74 14.71 1.80
N LEU A 282 4.32 15.90 1.93
CA LEU A 282 3.67 17.13 1.52
C LEU A 282 4.38 17.68 0.29
N ASP A 283 3.61 18.20 -0.66
CA ASP A 283 4.19 18.89 -1.80
C ASP A 283 4.60 20.29 -1.36
N LYS A 284 4.95 21.14 -2.33
CA LYS A 284 5.42 22.48 -1.99
C LYS A 284 4.32 23.31 -1.32
N ASP A 285 3.06 23.04 -1.64
CA ASP A 285 1.95 23.83 -1.13
C ASP A 285 1.37 23.31 0.18
N GLY A 286 1.78 22.12 0.63
CA GLY A 286 1.25 21.53 1.83
C GLY A 286 0.16 20.50 1.63
N HIS A 287 0.00 19.99 0.41
CA HIS A 287 -0.99 18.95 0.13
C HIS A 287 -0.35 17.56 0.24
N ILE A 288 -1.19 16.57 0.49
CA ILE A 288 -0.70 15.21 0.69
C ILE A 288 -0.25 14.60 -0.63
N LYS A 289 0.82 13.81 -0.56
CA LYS A 289 1.19 12.91 -1.65
C LYS A 289 1.43 11.53 -1.06
N ILE A 290 0.59 10.58 -1.43
CA ILE A 290 0.82 9.18 -1.07
C ILE A 290 1.85 8.60 -2.02
N THR A 291 2.92 8.03 -1.47
CA THR A 291 4.05 7.64 -2.29
C THR A 291 3.91 6.22 -2.81
N ASP A 292 4.70 5.93 -3.85
CA ASP A 292 4.77 4.63 -4.49
C ASP A 292 6.22 4.27 -4.72
N PHE A 293 7.00 4.31 -3.63
CA PHE A 293 8.44 4.07 -3.69
C PHE A 293 8.81 2.68 -3.21
N GLY A 294 7.84 1.78 -3.10
CA GLY A 294 8.08 0.51 -2.47
C GLY A 294 8.67 -0.54 -3.40
N LEU A 295 9.33 -1.52 -2.79
CA LEU A 295 9.88 -2.66 -3.49
C LEU A 295 9.80 -3.86 -2.56
N CYS A 296 9.28 -4.97 -3.07
CA CYS A 296 9.19 -6.18 -2.26
C CYS A 296 10.59 -6.70 -1.95
N LYS A 297 10.87 -6.92 -0.67
CA LYS A 297 12.16 -7.36 -0.19
C LYS A 297 12.05 -8.75 0.43
N GLU A 298 13.13 -9.50 0.37
CA GLU A 298 13.24 -10.68 1.22
C GLU A 298 13.14 -10.25 2.67
N GLY A 299 12.44 -11.04 3.48
CA GLY A 299 12.28 -10.69 4.88
C GLY A 299 13.59 -10.55 5.63
N ILE A 300 13.51 -10.20 6.91
CA ILE A 300 14.69 -10.10 7.77
C ILE A 300 14.51 -11.10 8.91
N LYS A 301 15.43 -12.06 9.00
CA LYS A 301 15.38 -13.07 10.06
C LYS A 301 15.95 -12.53 11.36
N THR A 308 11.70 -14.85 10.46
CA THR A 308 11.74 -13.97 9.29
C THR A 308 10.45 -13.18 9.13
N PHE A 309 10.51 -11.88 9.44
CA PHE A 309 9.38 -10.98 9.29
C PHE A 309 9.75 -9.87 8.31
N CYS A 310 8.84 -9.55 7.41
CA CYS A 310 9.09 -8.53 6.38
C CYS A 310 8.63 -7.17 6.90
N GLY A 311 9.56 -6.22 6.93
CA GLY A 311 9.22 -4.89 7.43
C GLY A 311 8.80 -4.92 8.90
N THR A 312 8.05 -3.88 9.29
CA THR A 312 7.56 -3.76 10.65
C THR A 312 6.04 -3.79 10.66
N PRO A 313 5.44 -4.44 11.65
CA PRO A 313 3.99 -4.71 11.62
C PRO A 313 3.08 -3.64 12.21
N GLU A 314 3.62 -2.55 12.76
CA GLU A 314 2.81 -1.62 13.53
C GLU A 314 1.57 -1.16 12.79
N TYR A 315 1.63 -1.09 11.46
CA TYR A 315 0.54 -0.53 10.67
C TYR A 315 -0.33 -1.58 10.00
N LEU A 316 0.06 -2.85 10.05
CA LEU A 316 -0.64 -3.88 9.27
C LEU A 316 -2.04 -4.13 9.82
N ALA A 317 -3.00 -4.23 8.91
CA ALA A 317 -4.36 -4.57 9.30
C ALA A 317 -4.39 -6.01 9.83
N PRO A 318 -5.26 -6.30 10.81
CA PRO A 318 -5.31 -7.67 11.35
C PRO A 318 -5.50 -8.73 10.28
N GLU A 319 -6.49 -8.57 9.40
CA GLU A 319 -6.74 -9.59 8.39
C GLU A 319 -5.53 -9.78 7.48
N VAL A 320 -4.72 -8.75 7.31
CA VAL A 320 -3.48 -8.90 6.53
C VAL A 320 -2.46 -9.70 7.33
N LEU A 321 -2.32 -9.40 8.62
CA LEU A 321 -1.40 -10.15 9.47
C LEU A 321 -1.72 -11.64 9.45
N GLU A 322 -3.01 -11.99 9.43
CA GLU A 322 -3.43 -13.38 9.47
C GLU A 322 -3.43 -14.04 8.09
N ASP A 323 -2.92 -13.36 7.07
CA ASP A 323 -2.91 -13.91 5.71
C ASP A 323 -4.31 -14.39 5.32
N ASN A 324 -5.33 -13.68 5.79
CA ASN A 324 -6.72 -14.00 5.52
C ASN A 324 -7.22 -13.17 4.35
N ASP A 325 -8.43 -13.52 3.89
CA ASP A 325 -9.11 -12.73 2.88
C ASP A 325 -9.16 -11.26 3.30
N TYR A 326 -8.80 -10.37 2.37
CA TYR A 326 -8.81 -8.95 2.65
C TYR A 326 -9.33 -8.19 1.42
N GLY A 327 -9.82 -6.99 1.67
CA GLY A 327 -10.38 -6.16 0.61
C GLY A 327 -10.11 -4.69 0.88
N ARG A 328 -11.01 -3.84 0.38
CA ARG A 328 -10.83 -2.40 0.49
C ARG A 328 -10.75 -1.92 1.93
N ALA A 329 -11.27 -2.69 2.89
CA ALA A 329 -11.26 -2.27 4.28
C ALA A 329 -9.84 -2.18 4.84
N VAL A 330 -8.86 -2.79 4.19
CA VAL A 330 -7.49 -2.73 4.69
C VAL A 330 -6.99 -1.29 4.71
N ASP A 331 -7.37 -0.49 3.71
CA ASP A 331 -6.88 0.87 3.64
C ASP A 331 -7.53 1.76 4.70
N TRP A 332 -8.76 1.44 5.10
CA TRP A 332 -9.40 2.24 6.15
C TRP A 332 -8.72 2.00 7.49
N TRP A 333 -8.30 0.75 7.75
CA TRP A 333 -7.43 0.50 8.90
C TRP A 333 -6.21 1.42 8.85
N GLY A 334 -5.51 1.42 7.71
CA GLY A 334 -4.36 2.28 7.57
C GLY A 334 -4.69 3.74 7.81
N LEU A 335 -5.81 4.20 7.26
CA LEU A 335 -6.27 5.55 7.57
C LEU A 335 -6.39 5.74 9.08
N GLY A 336 -7.00 4.77 9.76
CA GLY A 336 -7.14 4.89 11.21
C GLY A 336 -5.78 4.96 11.90
N VAL A 337 -4.87 4.07 11.53
CA VAL A 337 -3.53 4.11 12.12
C VAL A 337 -2.91 5.49 11.94
N VAL A 338 -2.97 6.02 10.70
CA VAL A 338 -2.34 7.29 10.39
C VAL A 338 -3.02 8.43 11.14
N MET A 339 -4.35 8.46 11.12
CA MET A 339 -5.06 9.55 11.79
C MET A 339 -4.98 9.44 13.31
N TYR A 340 -4.83 8.23 13.83
CA TYR A 340 -4.66 8.07 15.27
C TYR A 340 -3.36 8.72 15.73
N GLU A 341 -2.28 8.47 14.99
CA GLU A 341 -0.98 9.02 15.38
C GLU A 341 -0.94 10.54 15.21
N MET A 342 -1.50 11.05 14.11
CA MET A 342 -1.53 12.50 13.91
C MET A 342 -2.21 13.20 15.08
N MET A 343 -3.37 12.69 15.50
CA MET A 343 -4.17 13.35 16.51
C MET A 343 -3.79 12.97 17.94
N CYS A 344 -2.99 11.92 18.14
CA CYS A 344 -2.60 11.47 19.46
C CYS A 344 -1.11 11.57 19.75
N GLY A 345 -0.27 11.61 18.72
CA GLY A 345 1.16 11.71 18.91
C GLY A 345 1.87 10.40 19.17
N ARG A 346 1.18 9.26 19.00
CA ARG A 346 1.80 7.96 19.19
C ARG A 346 1.07 6.95 18.32
N LEU A 347 1.76 5.87 17.99
CA LEU A 347 1.14 4.78 17.27
C LEU A 347 0.11 4.09 18.17
N PRO A 348 -0.96 3.55 17.60
CA PRO A 348 -1.98 2.90 18.42
C PRO A 348 -1.46 1.70 19.18
N PHE A 349 -0.75 0.80 18.50
CA PHE A 349 -0.16 -0.38 19.13
C PHE A 349 1.35 -0.37 18.88
N TYR A 350 2.13 -0.58 19.94
CA TYR A 350 3.58 -0.64 19.78
C TYR A 350 4.18 -1.41 20.94
N ASN A 351 4.93 -2.47 20.63
CA ASN A 351 5.67 -3.24 21.61
C ASN A 351 6.81 -3.95 20.88
N GLN A 352 7.95 -4.09 21.58
CA GLN A 352 9.14 -4.63 20.93
C GLN A 352 9.00 -6.11 20.61
N ASP A 353 8.41 -6.88 21.52
CA ASP A 353 8.18 -8.30 21.25
C ASP A 353 7.18 -8.44 20.11
N HIS A 354 7.60 -9.13 19.04
CA HIS A 354 6.70 -9.32 17.90
C HIS A 354 5.53 -10.21 18.27
N GLU A 355 5.74 -11.18 19.16
CA GLU A 355 4.61 -11.97 19.66
C GLU A 355 3.58 -11.07 20.33
N LYS A 356 4.04 -10.03 21.01
CA LYS A 356 3.13 -9.10 21.67
C LYS A 356 2.53 -8.10 20.68
N LEU A 357 3.33 -7.61 19.73
CA LEU A 357 2.80 -6.68 18.74
C LEU A 357 1.65 -7.29 17.95
N PHE A 358 1.80 -8.55 17.55
CA PHE A 358 0.73 -9.23 16.83
C PHE A 358 -0.52 -9.36 17.70
N GLU A 359 -0.35 -9.82 18.94
CA GLU A 359 -1.48 -9.90 19.86
C GLU A 359 -2.11 -8.53 20.05
N LEU A 360 -1.27 -7.50 20.25
CA LEU A 360 -1.80 -6.15 20.40
C LEU A 360 -2.65 -5.75 19.20
N ILE A 361 -2.16 -6.02 17.99
CA ILE A 361 -2.91 -5.67 16.79
C ILE A 361 -4.14 -6.57 16.66
N LEU A 362 -4.00 -7.85 17.00
CA LEU A 362 -5.11 -8.79 16.82
C LEU A 362 -6.11 -8.71 17.97
N MET A 363 -5.64 -8.52 19.20
CA MET A 363 -6.46 -8.71 20.39
C MET A 363 -6.74 -7.42 21.16
N GLU A 364 -5.70 -6.66 21.50
CA GLU A 364 -5.86 -5.51 22.37
C GLU A 364 -6.83 -4.49 21.78
N GLU A 365 -7.80 -4.08 22.58
CA GLU A 365 -8.73 -3.02 22.17
C GLU A 365 -8.01 -1.68 22.16
N ILE A 366 -8.22 -0.91 21.09
CA ILE A 366 -7.54 0.36 20.94
C ILE A 366 -8.03 1.35 21.99
N ARG A 367 -7.09 2.05 22.63
CA ARG A 367 -7.39 3.04 23.65
C ARG A 367 -7.15 4.45 23.10
N PHE A 368 -7.85 5.42 23.69
CA PHE A 368 -7.79 6.79 23.21
C PHE A 368 -7.40 7.75 24.34
N PRO A 369 -6.80 8.89 24.02
CA PRO A 369 -6.51 9.90 25.03
C PRO A 369 -7.75 10.71 25.39
N ARG A 370 -7.73 11.25 26.60
CA ARG A 370 -8.82 12.11 27.06
C ARG A 370 -8.92 13.39 26.27
N THR A 371 -7.91 13.73 25.47
CA THR A 371 -7.94 14.97 24.70
C THR A 371 -8.81 14.87 23.47
N LEU A 372 -9.02 13.66 22.94
CA LEU A 372 -9.76 13.50 21.71
C LEU A 372 -11.24 13.82 21.90
N GLY A 373 -11.82 14.54 20.94
CA GLY A 373 -13.23 14.80 20.94
C GLY A 373 -14.03 13.55 20.64
N PRO A 374 -15.35 13.61 20.85
CA PRO A 374 -16.18 12.42 20.57
C PRO A 374 -16.21 12.06 19.09
N GLU A 375 -16.24 13.05 18.20
CA GLU A 375 -16.22 12.77 16.77
C GLU A 375 -14.95 12.03 16.37
N ALA A 376 -13.79 12.55 16.79
CA ALA A 376 -12.53 11.89 16.48
C ALA A 376 -12.51 10.47 17.01
N LYS A 377 -12.96 10.28 18.27
CA LYS A 377 -12.97 8.95 18.86
C LYS A 377 -13.88 8.00 18.07
N SER A 378 -15.04 8.50 17.63
CA SER A 378 -15.94 7.68 16.83
C SER A 378 -15.27 7.23 15.53
N LEU A 379 -14.63 8.17 14.83
CA LEU A 379 -13.99 7.84 13.55
C LEU A 379 -12.89 6.81 13.73
N LEU A 380 -12.01 7.03 14.72
CA LEU A 380 -10.91 6.09 14.93
C LEU A 380 -11.43 4.71 15.36
N SER A 381 -12.48 4.68 16.18
CA SER A 381 -13.03 3.40 16.62
C SER A 381 -13.57 2.60 15.44
N GLY A 382 -14.32 3.25 14.55
CA GLY A 382 -14.83 2.57 13.37
C GLY A 382 -13.72 2.14 12.44
N LEU A 383 -12.74 3.01 12.20
CA LEU A 383 -11.66 2.69 11.28
C LEU A 383 -10.81 1.53 11.80
N LEU A 384 -10.61 1.46 13.11
CA LEU A 384 -9.71 0.48 13.72
C LEU A 384 -10.45 -0.72 14.31
N LYS A 385 -11.64 -1.02 13.81
CA LYS A 385 -12.32 -2.25 14.18
C LYS A 385 -11.52 -3.44 13.68
N LYS A 386 -11.31 -4.42 14.57
CA LYS A 386 -10.53 -5.60 14.21
C LYS A 386 -11.15 -6.32 13.01
N ASP A 387 -12.45 -6.54 13.05
CA ASP A 387 -13.14 -7.27 11.99
C ASP A 387 -13.44 -6.34 10.82
N PRO A 388 -12.92 -6.63 9.62
CA PRO A 388 -13.18 -5.72 8.49
C PRO A 388 -14.64 -5.61 8.10
N LYS A 389 -15.43 -6.67 8.28
CA LYS A 389 -16.84 -6.57 7.95
C LYS A 389 -17.56 -5.57 8.84
N GLN A 390 -17.03 -5.32 10.03
CA GLN A 390 -17.58 -4.32 10.95
C GLN A 390 -16.89 -2.97 10.84
N ARG A 391 -15.74 -2.90 10.17
CA ARG A 391 -14.94 -1.68 10.14
C ARG A 391 -15.62 -0.59 9.32
N LEU A 392 -15.43 0.65 9.77
CA LEU A 392 -15.96 1.80 9.05
C LEU A 392 -15.34 1.87 7.66
N GLY A 393 -16.19 1.84 6.63
CA GLY A 393 -15.73 1.80 5.26
C GLY A 393 -15.63 0.42 4.66
N GLY A 394 -15.90 -0.62 5.44
CA GLY A 394 -15.85 -1.99 4.99
C GLY A 394 -17.09 -2.50 4.28
N GLY A 395 -18.15 -1.69 4.22
CA GLY A 395 -19.34 -2.04 3.49
C GLY A 395 -19.24 -1.69 2.02
N SER A 396 -20.34 -1.95 1.30
CA SER A 396 -20.35 -1.69 -0.13
C SER A 396 -20.19 -0.20 -0.44
N GLU A 397 -20.65 0.67 0.46
CA GLU A 397 -20.46 2.11 0.25
C GLU A 397 -18.98 2.50 0.26
N ASP A 398 -18.12 1.67 0.85
CA ASP A 398 -16.69 1.96 0.94
C ASP A 398 -16.44 3.37 1.45
N ALA A 399 -15.69 4.16 0.67
CA ALA A 399 -15.25 5.48 1.12
C ALA A 399 -16.40 6.38 1.54
N LYS A 400 -17.61 6.15 1.03
CA LYS A 400 -18.72 7.02 1.39
C LYS A 400 -19.04 6.95 2.88
N GLU A 401 -18.80 5.79 3.50
CA GLU A 401 -19.02 5.68 4.94
C GLU A 401 -18.11 6.62 5.72
N ILE A 402 -16.88 6.83 5.25
CA ILE A 402 -15.97 7.76 5.91
C ILE A 402 -16.34 9.20 5.58
N MET A 403 -16.69 9.47 4.32
CA MET A 403 -16.99 10.83 3.92
C MET A 403 -18.19 11.38 4.68
N GLN A 404 -19.22 10.56 4.89
CA GLN A 404 -20.43 11.00 5.56
C GLN A 404 -20.32 10.97 7.07
N HIS A 405 -19.16 10.62 7.62
CA HIS A 405 -18.99 10.54 9.06
C HIS A 405 -19.01 11.93 9.68
N ARG A 406 -19.48 12.00 10.94
CA ARG A 406 -19.60 13.29 11.61
C ARG A 406 -18.27 14.03 11.69
N PHE A 407 -17.16 13.29 11.77
CA PHE A 407 -15.86 13.94 11.87
C PHE A 407 -15.57 14.80 10.65
N PHE A 408 -16.10 14.42 9.48
CA PHE A 408 -15.90 15.17 8.25
C PHE A 408 -17.11 16.02 7.87
N ALA A 409 -17.98 16.33 8.83
CA ALA A 409 -19.10 17.20 8.55
C ALA A 409 -18.61 18.57 8.09
N GLY A 410 -19.24 19.10 7.05
CA GLY A 410 -18.87 20.38 6.50
C GLY A 410 -17.81 20.33 5.41
N ILE A 411 -17.16 19.19 5.21
CA ILE A 411 -16.15 19.06 4.17
C ILE A 411 -16.85 18.79 2.84
N VAL A 412 -16.70 19.69 1.88
CA VAL A 412 -17.21 19.49 0.53
C VAL A 412 -16.20 18.64 -0.22
N TRP A 413 -16.60 17.43 -0.59
CA TRP A 413 -15.64 16.45 -1.09
C TRP A 413 -15.21 16.73 -2.53
N GLN A 414 -16.01 17.47 -3.31
CA GLN A 414 -15.52 17.92 -4.60
C GLN A 414 -14.43 18.98 -4.44
N HIS A 415 -14.55 19.84 -3.41
CA HIS A 415 -13.51 20.81 -3.14
C HIS A 415 -12.20 20.12 -2.74
N VAL A 416 -12.29 18.98 -2.06
CA VAL A 416 -11.07 18.24 -1.69
C VAL A 416 -10.35 17.77 -2.94
N TYR A 417 -11.07 17.10 -3.84
CA TYR A 417 -10.46 16.61 -5.07
C TYR A 417 -9.82 17.72 -5.88
N GLU A 418 -10.37 18.94 -5.80
CA GLU A 418 -9.90 20.07 -6.59
C GLU A 418 -8.95 20.98 -5.82
N LYS A 419 -8.38 20.49 -4.72
CA LYS A 419 -7.39 21.25 -3.94
C LYS A 419 -7.91 22.62 -3.53
N LYS A 420 -9.24 22.75 -3.42
CA LYS A 420 -9.82 24.02 -3.02
C LYS A 420 -9.58 24.31 -1.55
N LEU A 421 -9.51 23.27 -0.70
CA LEU A 421 -9.21 23.49 0.70
C LEU A 421 -7.81 24.05 0.87
N SER A 422 -7.68 25.07 1.69
CA SER A 422 -6.38 25.70 1.91
C SER A 422 -5.57 24.88 2.91
N PRO A 423 -4.34 24.50 2.57
CA PRO A 423 -3.52 23.72 3.52
C PRO A 423 -3.32 24.48 4.81
N PRO A 424 -3.41 23.80 5.96
CA PRO A 424 -3.16 24.49 7.24
C PRO A 424 -1.70 24.75 7.50
N PHE A 425 -0.80 23.97 6.90
CA PHE A 425 0.64 24.15 7.08
C PHE A 425 1.29 24.29 5.71
N LYS A 426 1.97 25.42 5.50
CA LYS A 426 2.69 25.65 4.27
C LYS A 426 4.16 25.34 4.47
N PRO A 427 4.72 24.33 3.80
CA PRO A 427 6.15 24.05 3.96
C PRO A 427 7.00 25.23 3.50
N GLN A 428 8.10 25.46 4.20
CA GLN A 428 8.96 26.61 3.92
C GLN A 428 9.93 26.25 2.79
N VAL A 429 9.39 26.22 1.57
CA VAL A 429 10.15 26.07 0.35
C VAL A 429 9.72 27.16 -0.62
N THR A 430 10.67 27.62 -1.43
CA THR A 430 10.37 28.69 -2.37
C THR A 430 9.69 28.15 -3.63
N SER A 431 10.10 26.98 -4.10
CA SER A 431 9.57 26.43 -5.34
C SER A 431 9.62 24.90 -5.27
N GLU A 432 9.22 24.27 -6.38
CA GLU A 432 9.28 22.82 -6.50
C GLU A 432 10.69 22.27 -6.51
N THR A 433 11.71 23.12 -6.61
CA THR A 433 13.08 22.68 -6.64
C THR A 433 13.87 23.05 -5.39
N ASP A 434 13.30 23.87 -4.51
CA ASP A 434 13.94 24.16 -3.22
C ASP A 434 14.25 22.85 -2.51
N THR A 435 15.50 22.70 -2.06
CA THR A 435 15.98 21.45 -1.49
C THR A 435 16.06 21.49 0.03
N ARG A 436 15.31 22.39 0.67
CA ARG A 436 15.41 22.55 2.12
C ARG A 436 15.20 21.22 2.84
N TYR A 437 14.13 20.51 2.50
CA TYR A 437 13.80 19.27 3.20
C TYR A 437 14.65 18.09 2.75
N PHE A 438 15.60 18.30 1.85
CA PHE A 438 16.65 17.34 1.59
C PHE A 438 17.95 17.66 2.34
N ASP A 439 18.13 18.92 2.73
CA ASP A 439 19.36 19.32 3.40
C ASP A 439 19.53 18.59 4.72
N GLU A 440 20.75 18.15 5.00
CA GLU A 440 21.02 17.43 6.23
C GLU A 440 20.88 18.34 7.45
N GLU A 441 21.35 19.58 7.33
CA GLU A 441 21.32 20.49 8.48
C GLU A 441 19.90 20.68 9.01
N PHE A 442 18.92 20.75 8.11
CA PHE A 442 17.55 21.01 8.53
C PHE A 442 16.86 19.73 8.99
N THR A 443 17.12 18.61 8.32
CA THR A 443 16.43 17.36 8.63
C THR A 443 16.72 16.88 10.05
N ALA A 444 17.83 17.32 10.66
CA ALA A 444 18.16 16.92 12.01
C ALA A 444 17.68 17.97 13.02
C10 UCE B . -0.52 -0.20 -4.34
C13 UCE B . -1.19 1.96 -7.50
C15 UCE B . -2.38 1.60 -9.49
C17 UCE B . -3.11 3.51 -11.05
C20 UCE B . -1.20 3.36 -7.73
C21 UCE B . -0.54 4.41 -6.80
C22 UCE B . 0.30 5.37 -7.36
C24 UCE B . 0.65 6.37 -5.20
C26 UCE B . -0.81 4.44 -5.42
C28 UCE B . 1.46 1.09 -4.85
C02 UCE B . 1.37 -6.69 -2.65
C04 UCE B . 1.59 -4.27 -1.73
C05 UCE B . 1.88 -4.01 -3.20
C06 UCE B . 2.10 -2.50 -3.49
C08 UCE B . 1.57 -0.45 -2.82
C09 UCE B . 0.79 0.15 -4.04
C11 UCE B . -1.17 0.37 -5.46
C12 UCE B . -0.52 1.32 -6.25
C16 UCE B . -2.43 2.97 -9.78
C19 UCE B . -1.81 3.85 -8.88
C23 UCE B . 0.90 6.34 -6.56
C25 UCE B . -0.21 5.42 -4.62
C27 UCE B . 0.80 1.66 -5.95
C29 UCE B . 1.39 -1.94 -1.21
C30 UCE B . 2.17 -3.18 -0.97
C31 UCE B . 3.10 -6.39 -1.08
C32 UCE B . 4.04 -5.93 -0.13
C33 UCE B . 4.99 -6.81 0.42
C35 UCE B . 7.38 -6.75 1.38
C36 UCE B . 8.37 -6.23 2.45
C37 UCE B . 8.04 -6.80 3.85
C39 UCE B . 5.00 -8.18 0.02
C40 UCE B . 4.07 -8.65 -0.92
C41 UCE B . 3.11 -7.75 -1.47
N03 UCE B . 2.01 -5.70 -1.82
N07 UCE B . 1.31 -1.64 -2.63
N14 UCE B . -1.79 1.16 -8.38
N34 UCE B . 5.97 -6.33 1.41
N42 UCE B . 2.03 -7.96 -2.45
O01 UCE B . 0.45 -6.50 -3.36
O18 UCE B . -3.57 2.42 -11.81
O38 UCE B . 7.77 -7.48 0.53
C ACT C . -1.18 8.17 -10.33
O ACT C . -2.27 7.55 -10.32
OXT ACT C . -1.09 9.30 -9.79
CH3 ACT C . 0.05 7.54 -11.00
H1 ACT C . -0.18 7.27 -11.90
H2 ACT C . 0.33 6.77 -10.49
H3 ACT C . 0.77 8.19 -11.04
C ACT D . -2.18 -10.23 -2.94
O ACT D . -3.24 -9.54 -3.01
OXT ACT D . -1.34 -10.17 -3.87
CH3 ACT D . -1.94 -11.14 -1.74
H1 ACT D . -2.77 -11.58 -1.49
H2 ACT D . -1.27 -11.80 -1.95
H3 ACT D . -1.63 -10.61 -0.98
#